data_2WLJ
#
_entry.id   2WLJ
#
_cell.length_a   105.627
_cell.length_b   109.385
_cell.length_c   88.786
_cell.angle_alpha   90.00
_cell.angle_beta   90.00
_cell.angle_gamma   90.00
#
_symmetry.space_group_name_H-M   'P 21 21 2'
#
loop_
_entity.id
_entity.type
_entity.pdbx_description
1 polymer 'POTASSIUM CHANNEL'
2 non-polymer 'POTASSIUM ION'
3 non-polymer 'CHLORIDE ION'
4 non-polymer SPERMINE
5 non-polymer 'CALCIUM ION'
6 water water
#
_entity_poly.entity_id   1
_entity_poly.type   'polypeptide(L)'
_entity_poly.pdbx_seq_one_letter_code
;MTGGMKPPARKPRILNSDGSSNITRLGLEKRGWLDDHYHDLLTVSWPVFITLITGLYLVTNALFALAYLACGDVIENARP
GSFTDAFFFSVQTMATIGYGKLIPIGPLANTLVTLEALCGMLGLAVAASLIYARFTRPTAGVLFSSRMVISDFEGKPTLM
MRLANLRIEQIIEADVHLVLVRSEISQEGMVFRRFHDLTLTRSRSPIFSLSWTVMHPIDHHSPIYGETDETLRNSHSEFL
VLFTGHHEAFAQNVHARHAYSCDEIIWGGHFVDVFTTLPDGRRALDLGKFHEIAQHHHHHH
;
_entity_poly.pdbx_strand_id   A,B
#
loop_
_chem_comp.id
_chem_comp.type
_chem_comp.name
_chem_comp.formula
CA non-polymer 'CALCIUM ION' 'Ca 2'
CL non-polymer 'CHLORIDE ION' 'Cl -1'
K non-polymer 'POTASSIUM ION' 'K 1'
SPM non-polymer SPERMINE 'C10 H26 N4'
#
# COMPACT_ATOMS: atom_id res chain seq x y z
N PRO A 12 -8.18 27.30 0.50
CA PRO A 12 -7.44 27.75 -0.67
C PRO A 12 -6.33 26.80 -1.10
N ARG A 13 -6.00 25.79 -0.30
CA ARG A 13 -4.88 24.89 -0.63
C ARG A 13 -5.29 23.60 -1.30
N ILE A 14 -4.76 23.30 -2.48
CA ILE A 14 -5.13 22.05 -3.13
C ILE A 14 -4.30 20.86 -2.59
N LEU A 15 -3.00 21.06 -2.42
CA LEU A 15 -2.16 20.12 -1.70
C LEU A 15 -1.81 20.74 -0.36
N ASN A 16 -1.85 19.93 0.70
CA ASN A 16 -1.29 20.37 1.95
C ASN A 16 0.22 20.21 1.95
N SER A 17 0.89 20.93 2.83
CA SER A 17 2.34 20.94 2.91
C SER A 17 3.03 19.60 2.89
N ASP A 18 2.35 18.61 3.44
CA ASP A 18 2.90 17.28 3.58
C ASP A 18 2.58 16.48 2.36
N GLY A 19 2.10 17.17 1.32
CA GLY A 19 1.92 16.53 0.03
C GLY A 19 0.60 15.85 -0.17
N SER A 20 -0.22 15.77 0.87
CA SER A 20 -1.50 15.08 0.77
C SER A 20 -2.60 16.01 0.24
N SER A 21 -3.65 15.40 -0.28
CA SER A 21 -4.72 16.12 -0.94
C SER A 21 -5.64 16.85 0.01
N ASN A 22 -6.06 18.02 -0.38
CA ASN A 22 -6.95 18.75 0.48
C ASN A 22 -8.40 18.59 0.10
N ILE A 23 -8.67 17.94 -1.02
CA ILE A 23 -10.03 17.76 -1.51
C ILE A 23 -10.90 16.87 -0.59
N THR A 24 -12.21 17.05 -0.67
CA THR A 24 -13.17 16.21 0.05
C THR A 24 -13.58 15.08 -0.87
N ARG A 25 -13.72 13.89 -0.30
CA ARG A 25 -13.97 12.70 -1.12
CA ARG A 25 -13.98 12.72 -1.13
C ARG A 25 -15.40 12.16 -0.97
N LEU A 26 -16.12 12.09 -2.09
CA LEU A 26 -17.46 11.53 -2.10
C LEU A 26 -17.40 10.31 -3.03
N GLY A 27 -18.16 9.27 -2.71
CA GLY A 27 -18.25 8.09 -3.58
C GLY A 27 -18.08 6.76 -2.86
N LEU A 34 -13.73 -3.26 10.08
CA LEU A 34 -12.88 -4.44 10.21
C LEU A 34 -11.55 -4.23 9.49
N ASP A 35 -11.63 -3.95 8.18
CA ASP A 35 -10.45 -3.78 7.32
C ASP A 35 -9.70 -2.46 7.56
N ASP A 36 -10.32 -1.59 8.35
CA ASP A 36 -9.72 -0.31 8.73
C ASP A 36 -8.75 -0.49 9.88
N HIS A 37 -9.06 -1.42 10.78
CA HIS A 37 -8.19 -1.70 11.92
C HIS A 37 -6.92 -2.45 11.51
N TYR A 38 -6.84 -2.85 10.24
CA TYR A 38 -5.59 -3.44 9.73
C TYR A 38 -4.54 -2.37 9.41
N HIS A 39 -4.80 -1.57 8.37
CA HIS A 39 -3.91 -0.48 8.00
C HIS A 39 -3.70 0.43 9.20
N ASP A 40 -4.38 0.09 10.30
CA ASP A 40 -4.42 0.92 11.49
C ASP A 40 -3.39 0.47 12.51
N LEU A 41 -3.22 -0.83 12.63
CA LEU A 41 -2.24 -1.38 13.54
C LEU A 41 -0.87 -1.17 12.92
N LEU A 42 -0.90 -0.93 11.62
CA LEU A 42 0.29 -0.63 10.84
C LEU A 42 0.81 0.78 11.07
N THR A 43 -0.10 1.72 11.31
CA THR A 43 0.30 3.12 11.34
C THR A 43 0.40 3.76 12.73
N VAL A 44 -0.39 3.31 13.70
CA VAL A 44 -0.33 3.89 15.05
C VAL A 44 1.07 3.79 15.65
N SER A 45 1.26 4.38 16.81
CA SER A 45 2.55 4.30 17.52
C SER A 45 2.70 3.00 18.32
N TRP A 46 3.94 2.66 18.72
CA TRP A 46 4.19 1.40 19.45
C TRP A 46 3.33 1.20 20.73
N PRO A 47 3.34 2.18 21.65
CA PRO A 47 2.46 2.20 22.82
C PRO A 47 1.02 1.80 22.50
N VAL A 48 0.46 2.43 21.49
CA VAL A 48 -0.92 2.16 21.12
C VAL A 48 -1.07 0.79 20.49
N PHE A 49 -0.10 0.43 19.65
CA PHE A 49 -0.14 -0.84 18.97
C PHE A 49 -0.16 -1.93 20.02
N ILE A 50 0.74 -1.77 21.00
CA ILE A 50 0.86 -2.72 22.09
C ILE A 50 -0.42 -2.76 22.90
N THR A 51 -0.92 -1.60 23.26
CA THR A 51 -2.16 -1.54 24.02
C THR A 51 -3.28 -2.28 23.32
N LEU A 52 -3.49 -1.98 22.03
CA LEU A 52 -4.55 -2.64 21.29
C LEU A 52 -4.37 -4.16 21.32
N ILE A 53 -3.11 -4.58 21.20
CA ILE A 53 -2.81 -5.99 21.08
C ILE A 53 -3.12 -6.64 22.41
N THR A 54 -2.64 -6.00 23.47
CA THR A 54 -2.92 -6.48 24.81
C THR A 54 -4.43 -6.56 24.99
N GLY A 55 -5.12 -5.47 24.65
CA GLY A 55 -6.56 -5.44 24.72
C GLY A 55 -7.20 -6.60 23.97
N LEU A 56 -6.82 -6.78 22.72
CA LEU A 56 -7.46 -7.84 21.94
C LEU A 56 -7.18 -9.19 22.61
N TYR A 57 -6.03 -9.29 23.27
CA TYR A 57 -5.66 -10.48 24.03
C TYR A 57 -6.41 -10.71 25.34
N LEU A 58 -6.58 -9.69 26.16
CA LEU A 58 -7.46 -9.83 27.32
C LEU A 58 -8.89 -10.19 26.91
N VAL A 59 -9.45 -9.40 25.99
CA VAL A 59 -10.82 -9.60 25.51
C VAL A 59 -11.04 -11.03 25.04
N THR A 60 -10.08 -11.55 24.29
CA THR A 60 -10.23 -12.86 23.65
C THR A 60 -10.31 -13.92 24.73
N ASN A 61 -9.42 -13.78 25.70
CA ASN A 61 -9.43 -14.63 26.87
C ASN A 61 -10.73 -14.47 27.64
N ALA A 62 -11.20 -13.23 27.82
CA ALA A 62 -12.49 -13.02 28.48
C ALA A 62 -13.57 -13.84 27.79
N LEU A 63 -13.59 -13.80 26.47
CA LEU A 63 -14.60 -14.53 25.74
C LEU A 63 -14.57 -16.03 26.03
N PHE A 64 -13.42 -16.66 25.82
CA PHE A 64 -13.31 -18.09 26.07
C PHE A 64 -13.69 -18.44 27.52
N ALA A 65 -13.16 -17.69 28.48
CA ALA A 65 -13.51 -17.93 29.88
C ALA A 65 -15.04 -18.05 30.02
N LEU A 66 -15.76 -17.10 29.42
CA LEU A 66 -17.22 -17.12 29.43
C LEU A 66 -17.75 -18.34 28.71
N ALA A 67 -17.12 -18.69 27.60
CA ALA A 67 -17.54 -19.86 26.86
C ALA A 67 -17.40 -21.11 27.72
N TYR A 68 -16.51 -21.09 28.71
CA TYR A 68 -16.34 -22.25 29.59
C TYR A 68 -17.39 -22.26 30.70
N LEU A 69 -17.82 -21.06 31.10
CA LEU A 69 -18.83 -20.88 32.13
C LEU A 69 -20.26 -21.13 31.61
N ALA A 70 -20.49 -20.98 30.31
CA ALA A 70 -21.75 -21.35 29.70
C ALA A 70 -21.88 -22.87 29.67
N CYS A 71 -20.79 -23.57 29.96
CA CYS A 71 -20.75 -25.02 29.94
C CYS A 71 -20.95 -25.57 31.35
N GLY A 72 -20.99 -24.66 32.33
CA GLY A 72 -21.01 -25.07 33.73
C GLY A 72 -19.61 -25.15 34.31
N ASP A 73 -19.29 -26.30 34.90
CA ASP A 73 -18.01 -26.49 35.54
C ASP A 73 -17.18 -27.51 34.79
N VAL A 74 -16.62 -27.14 33.63
CA VAL A 74 -15.83 -28.11 32.87
C VAL A 74 -14.30 -27.91 33.03
N ILE A 75 -13.94 -27.18 34.09
CA ILE A 75 -12.55 -26.95 34.46
C ILE A 75 -12.26 -27.52 35.84
N GLU A 76 -11.68 -28.71 35.88
CA GLU A 76 -11.33 -29.31 37.16
C GLU A 76 -10.49 -28.35 37.97
N ASN A 77 -10.66 -28.42 39.28
CA ASN A 77 -9.88 -27.66 40.24
C ASN A 77 -10.15 -26.16 40.21
N ALA A 78 -11.25 -25.79 39.57
CA ALA A 78 -11.66 -24.40 39.49
C ALA A 78 -12.86 -24.09 40.39
N ARG A 79 -12.84 -22.92 41.03
CA ARG A 79 -13.98 -22.50 41.85
C ARG A 79 -15.21 -22.25 40.96
N PRO A 80 -16.31 -22.99 41.21
CA PRO A 80 -17.50 -22.92 40.33
C PRO A 80 -18.04 -21.50 40.09
N GLY A 81 -18.34 -21.19 38.83
CA GLY A 81 -18.95 -19.92 38.48
C GLY A 81 -17.96 -18.78 38.50
N SER A 82 -16.73 -19.05 38.94
CA SER A 82 -15.68 -18.04 38.91
C SER A 82 -15.21 -17.70 37.49
N PHE A 83 -15.18 -16.39 37.22
CA PHE A 83 -14.66 -15.87 35.97
C PHE A 83 -13.14 -15.90 36.08
N THR A 84 -12.64 -15.36 37.18
CA THR A 84 -11.24 -15.35 37.49
C THR A 84 -10.55 -16.68 37.14
N ASP A 85 -11.08 -17.78 37.65
CA ASP A 85 -10.44 -19.08 37.41
C ASP A 85 -10.56 -19.56 35.95
N ALA A 86 -11.71 -19.32 35.33
CA ALA A 86 -11.94 -19.78 33.97
C ALA A 86 -11.17 -18.88 32.99
N PHE A 87 -10.85 -17.67 33.45
CA PHE A 87 -10.07 -16.72 32.68
C PHE A 87 -8.60 -17.11 32.75
N PHE A 88 -8.08 -17.49 33.92
CA PHE A 88 -6.71 -17.96 33.98
C PHE A 88 -6.55 -19.35 33.37
N PHE A 89 -7.63 -20.12 33.31
CA PHE A 89 -7.60 -21.36 32.54
C PHE A 89 -7.32 -21.06 31.06
N SER A 90 -8.16 -20.20 30.50
CA SER A 90 -8.08 -19.77 29.12
C SER A 90 -6.67 -19.31 28.75
N VAL A 91 -6.19 -18.30 29.47
CA VAL A 91 -4.82 -17.85 29.33
C VAL A 91 -3.86 -19.00 29.26
N GLN A 92 -3.98 -19.94 30.18
CA GLN A 92 -3.01 -21.02 30.23
C GLN A 92 -3.13 -21.94 29.06
N THR A 93 -4.33 -22.03 28.50
CA THR A 93 -4.62 -22.87 27.35
C THR A 93 -4.15 -22.15 26.08
N MET A 94 -4.63 -20.92 25.89
CA MET A 94 -4.33 -20.21 24.69
C MET A 94 -2.83 -19.97 24.58
N ALA A 95 -2.17 -19.66 25.68
CA ALA A 95 -0.73 -19.45 25.57
C ALA A 95 -0.02 -20.81 25.46
N THR A 96 -0.78 -21.90 25.66
CA THR A 96 -0.23 -23.25 25.78
C THR A 96 0.76 -23.46 26.94
N ILE A 97 0.57 -22.78 28.07
CA ILE A 97 1.42 -23.05 29.22
C ILE A 97 1.06 -24.38 29.93
N GLY A 98 -0.23 -24.66 29.96
CA GLY A 98 -0.71 -25.95 30.47
C GLY A 98 -0.06 -26.50 31.75
N TYR A 99 -0.20 -25.75 32.85
CA TYR A 99 0.41 -26.16 34.10
C TYR A 99 -0.15 -27.51 34.55
N GLY A 100 -1.47 -27.61 34.59
CA GLY A 100 -2.10 -28.87 34.94
C GLY A 100 -3.09 -28.87 36.10
N LYS A 101 -2.94 -27.96 37.06
CA LYS A 101 -3.98 -27.79 38.06
C LYS A 101 -5.31 -27.69 37.33
N LEU A 102 -5.53 -26.58 36.62
CA LEU A 102 -6.79 -26.43 35.88
C LEU A 102 -6.70 -27.29 34.64
N ILE A 103 -7.78 -27.96 34.30
CA ILE A 103 -7.80 -28.81 33.13
C ILE A 103 -9.22 -29.11 32.68
N PRO A 104 -9.39 -29.31 31.37
CA PRO A 104 -10.73 -29.45 30.80
C PRO A 104 -11.35 -30.79 31.20
N ILE A 105 -12.66 -30.82 31.42
CA ILE A 105 -13.34 -32.09 31.71
C ILE A 105 -14.27 -32.58 30.60
N GLY A 106 -15.25 -31.76 30.25
CA GLY A 106 -16.20 -32.17 29.21
C GLY A 106 -15.55 -32.31 27.86
N PRO A 107 -16.18 -33.11 26.96
CA PRO A 107 -15.83 -33.00 25.55
C PRO A 107 -16.11 -31.57 25.13
N LEU A 108 -17.09 -30.94 25.76
CA LEU A 108 -17.32 -29.51 25.52
C LEU A 108 -16.08 -28.69 25.86
N ALA A 109 -15.56 -28.83 27.07
CA ALA A 109 -14.34 -28.12 27.43
C ALA A 109 -13.18 -28.46 26.51
N ASN A 110 -13.04 -29.74 26.15
CA ASN A 110 -11.92 -30.18 25.33
C ASN A 110 -12.00 -29.67 23.89
N THR A 111 -13.21 -29.33 23.43
CA THR A 111 -13.36 -28.78 22.09
C THR A 111 -12.98 -27.31 22.07
N LEU A 112 -13.36 -26.61 23.14
CA LEU A 112 -12.96 -25.23 23.28
C LEU A 112 -11.45 -25.15 23.32
N VAL A 113 -10.84 -26.04 24.09
CA VAL A 113 -9.39 -26.03 24.21
C VAL A 113 -8.79 -26.14 22.82
N THR A 114 -9.38 -27.03 22.02
CA THR A 114 -8.86 -27.25 20.71
C THR A 114 -8.90 -25.97 19.88
N LEU A 115 -10.05 -25.30 19.96
CA LEU A 115 -10.28 -24.11 19.18
C LEU A 115 -9.39 -23.02 19.70
N GLU A 116 -9.31 -22.93 21.02
CA GLU A 116 -8.54 -21.88 21.63
C GLU A 116 -7.08 -22.04 21.24
N ALA A 117 -6.63 -23.26 21.09
CA ALA A 117 -5.26 -23.52 20.71
C ALA A 117 -5.00 -22.98 19.31
N LEU A 118 -5.97 -23.17 18.43
CA LEU A 118 -5.80 -22.68 17.10
C LEU A 118 -5.71 -21.16 17.11
N CYS A 119 -6.58 -20.48 17.86
CA CYS A 119 -6.55 -19.01 17.92
C CYS A 119 -5.23 -18.44 18.41
N GLY A 120 -4.66 -19.06 19.43
CA GLY A 120 -3.40 -18.54 19.94
C GLY A 120 -2.35 -18.72 18.88
N MET A 121 -2.39 -19.85 18.16
CA MET A 121 -1.39 -20.08 17.14
CA MET A 121 -1.42 -20.11 17.09
C MET A 121 -1.61 -19.04 16.02
N LEU A 122 -2.84 -18.89 15.53
CA LEU A 122 -3.18 -17.84 14.58
C LEU A 122 -2.78 -16.46 15.16
N GLY A 123 -3.23 -16.17 16.38
CA GLY A 123 -2.94 -14.89 17.04
C GLY A 123 -1.46 -14.57 17.04
N LEU A 124 -0.61 -15.55 17.29
CA LEU A 124 0.83 -15.32 17.27
C LEU A 124 1.33 -14.92 15.89
N ALA A 125 0.85 -15.65 14.89
CA ALA A 125 1.33 -15.48 13.53
C ALA A 125 0.94 -14.11 13.07
N VAL A 126 -0.31 -13.74 13.32
CA VAL A 126 -0.78 -12.42 12.90
C VAL A 126 0.05 -11.38 13.65
N ALA A 127 0.17 -11.51 14.95
CA ALA A 127 0.92 -10.49 15.68
C ALA A 127 2.36 -10.40 15.20
N ALA A 128 2.95 -11.54 14.83
CA ALA A 128 4.31 -11.49 14.30
C ALA A 128 4.32 -10.79 12.93
N SER A 129 3.29 -11.00 12.13
CA SER A 129 3.18 -10.29 10.85
C SER A 129 3.15 -8.81 11.09
N LEU A 130 2.24 -8.37 11.92
CA LEU A 130 2.11 -6.94 12.11
C LEU A 130 3.42 -6.35 12.61
N ILE A 131 4.10 -7.04 13.50
CA ILE A 131 5.31 -6.48 14.03
C ILE A 131 6.38 -6.34 12.95
N TYR A 132 6.55 -7.37 12.15
CA TYR A 132 7.51 -7.31 11.08
C TYR A 132 7.15 -6.21 10.06
N ALA A 133 5.88 -6.13 9.67
CA ALA A 133 5.42 -5.12 8.74
C ALA A 133 5.75 -3.72 9.25
N ARG A 134 5.53 -3.47 10.52
CA ARG A 134 5.79 -2.17 11.07
C ARG A 134 7.27 -1.89 11.00
N PHE A 135 8.08 -2.93 11.19
CA PHE A 135 9.55 -2.82 11.10
C PHE A 135 10.00 -2.47 9.68
N THR A 136 9.19 -2.85 8.68
CA THR A 136 9.51 -2.57 7.27
C THR A 136 8.70 -1.44 6.64
N ARG A 137 8.57 -0.31 7.34
CA ARG A 137 7.97 0.91 6.76
C ARG A 137 8.54 2.10 7.51
N PRO A 138 9.87 2.20 7.54
CA PRO A 138 10.50 3.30 8.25
C PRO A 138 10.18 4.62 7.58
N THR A 139 10.20 5.68 8.36
CA THR A 139 10.05 7.02 7.80
C THR A 139 11.37 7.40 7.13
N ALA A 140 11.29 8.29 6.13
CA ALA A 140 12.48 8.71 5.43
C ALA A 140 13.38 9.59 6.31
N GLY A 141 12.80 10.30 7.28
CA GLY A 141 13.58 11.27 8.06
C GLY A 141 14.25 12.26 7.15
N VAL A 142 13.47 12.86 6.27
CA VAL A 142 13.95 13.93 5.41
C VAL A 142 13.20 15.24 5.73
N LEU A 143 13.93 16.35 5.88
CA LEU A 143 13.33 17.63 6.20
C LEU A 143 13.21 18.46 4.96
N PHE A 144 12.09 19.15 4.83
CA PHE A 144 11.91 20.03 3.70
C PHE A 144 12.00 21.47 4.20
N SER A 145 12.57 22.37 3.39
CA SER A 145 12.66 23.74 3.81
C SER A 145 11.26 24.30 3.75
N SER A 146 10.95 25.27 4.62
CA SER A 146 9.59 25.63 4.78
C SER A 146 9.16 26.48 3.59
N ARG A 147 10.13 26.96 2.83
CA ARG A 147 9.82 27.79 1.69
C ARG A 147 10.69 27.43 0.49
N MET A 148 10.28 27.88 -0.69
CA MET A 148 11.19 27.88 -1.86
C MET A 148 11.68 29.34 -2.06
N VAL A 149 12.71 29.54 -2.87
CA VAL A 149 13.13 30.87 -3.27
C VAL A 149 13.30 30.86 -4.78
N ILE A 150 13.17 31.99 -5.41
CA ILE A 150 13.66 32.18 -6.76
C ILE A 150 14.78 33.24 -6.75
N SER A 151 15.94 32.87 -7.25
CA SER A 151 17.02 33.81 -7.41
C SER A 151 18.10 33.23 -8.34
N ASP A 152 19.10 34.01 -8.69
CA ASP A 152 20.06 33.64 -9.72
C ASP A 152 20.99 32.49 -9.38
N PHE A 153 21.03 31.50 -10.25
CA PHE A 153 22.15 30.57 -10.23
C PHE A 153 22.73 30.48 -11.65
N GLU A 154 24.05 30.66 -11.76
CA GLU A 154 24.68 30.72 -13.06
C GLU A 154 23.95 31.76 -13.90
N GLY A 155 23.66 32.92 -13.31
CA GLY A 155 23.12 34.04 -14.08
C GLY A 155 21.69 33.85 -14.50
N LYS A 156 21.06 32.76 -14.06
CA LYS A 156 19.66 32.51 -14.33
C LYS A 156 18.81 32.52 -13.07
N PRO A 157 17.62 33.16 -13.14
CA PRO A 157 16.64 32.96 -12.09
C PRO A 157 16.34 31.46 -11.94
N THR A 158 16.32 30.95 -10.71
CA THR A 158 16.23 29.54 -10.45
C THR A 158 15.34 29.35 -9.22
N LEU A 159 14.38 28.43 -9.36
CA LEU A 159 13.46 28.07 -8.29
C LEU A 159 14.20 27.04 -7.46
N MET A 160 14.28 27.23 -6.14
CA MET A 160 15.05 26.30 -5.34
C MET A 160 14.29 25.92 -4.10
N MET A 161 14.62 24.78 -3.54
CA MET A 161 14.13 24.40 -2.23
C MET A 161 15.19 23.46 -1.67
N ARG A 162 15.20 23.20 -0.37
CA ARG A 162 16.22 22.27 0.04
C ARG A 162 15.72 21.20 0.96
N LEU A 163 16.54 20.17 1.09
CA LEU A 163 16.17 18.98 1.80
C LEU A 163 17.30 18.67 2.73
N ALA A 164 17.00 18.12 3.89
CA ALA A 164 18.06 17.64 4.78
C ALA A 164 17.77 16.24 5.29
N ASN A 165 18.83 15.48 5.50
CA ASN A 165 18.74 14.16 6.13
C ASN A 165 18.79 14.30 7.64
N LEU A 166 17.76 13.82 8.32
CA LEU A 166 17.70 13.94 9.77
C LEU A 166 18.38 12.79 10.54
N ARG A 167 18.91 11.80 9.84
CA ARG A 167 19.59 10.75 10.56
C ARG A 167 21.04 10.75 10.14
N ILE A 168 21.87 10.03 10.90
CA ILE A 168 23.32 9.95 10.63
C ILE A 168 23.59 9.00 9.49
N GLU A 169 22.76 7.98 9.35
CA GLU A 169 22.93 7.09 8.21
C GLU A 169 22.51 7.78 6.92
N GLN A 170 23.12 7.33 5.83
CA GLN A 170 22.91 7.96 4.57
C GLN A 170 21.83 7.32 3.75
N ILE A 171 21.25 8.14 2.89
CA ILE A 171 20.34 7.61 1.93
C ILE A 171 21.13 7.63 0.64
N ILE A 172 21.13 6.52 -0.08
CA ILE A 172 21.91 6.47 -1.31
C ILE A 172 20.98 6.32 -2.48
N GLU A 173 21.48 6.62 -3.67
CA GLU A 173 20.67 6.45 -4.90
C GLU A 173 19.37 7.24 -4.83
N ALA A 174 19.48 8.44 -4.28
CA ALA A 174 18.37 9.34 -4.02
C ALA A 174 18.06 10.20 -5.25
N ASP A 175 16.78 10.47 -5.45
CA ASP A 175 16.38 11.32 -6.56
C ASP A 175 15.22 12.17 -6.10
N VAL A 176 14.98 13.21 -6.85
CA VAL A 176 13.96 14.11 -6.44
C VAL A 176 13.21 14.53 -7.68
N HIS A 177 11.92 14.74 -7.51
CA HIS A 177 11.08 15.22 -8.61
CA HIS A 177 11.03 15.17 -8.61
CA HIS A 177 11.09 15.22 -8.60
C HIS A 177 10.38 16.49 -8.15
N LEU A 178 10.52 17.55 -8.91
CA LEU A 178 9.85 18.80 -8.55
C LEU A 178 8.77 19.05 -9.60
N VAL A 179 7.51 19.16 -9.20
CA VAL A 179 6.40 19.25 -10.17
C VAL A 179 5.49 20.49 -9.94
N LEU A 180 5.25 21.25 -10.99
CA LEU A 180 4.29 22.35 -10.96
C LEU A 180 2.85 21.78 -11.14
N VAL A 181 1.89 22.24 -10.33
CA VAL A 181 0.48 21.95 -10.65
C VAL A 181 -0.24 23.25 -10.76
N ARG A 182 -0.83 23.51 -11.92
CA ARG A 182 -1.64 24.69 -12.08
C ARG A 182 -2.87 24.47 -12.95
N SER A 183 -3.79 25.44 -12.86
CA SER A 183 -5.00 25.44 -13.66
C SER A 183 -4.75 26.03 -15.02
N GLU A 184 -5.18 25.32 -16.05
CA GLU A 184 -5.04 25.84 -17.39
C GLU A 184 -6.36 25.74 -18.15
N ILE A 185 -6.45 26.49 -19.25
CA ILE A 185 -7.63 26.50 -20.09
C ILE A 185 -7.27 25.92 -21.45
N SER A 186 -7.94 24.85 -21.87
CA SER A 186 -7.65 24.30 -23.17
C SER A 186 -8.28 25.13 -24.31
N GLN A 187 -7.82 24.88 -25.54
CA GLN A 187 -8.42 25.46 -26.73
C GLN A 187 -9.93 25.22 -26.76
N GLU A 188 -10.37 24.09 -26.26
CA GLU A 188 -11.79 23.83 -26.24
C GLU A 188 -12.46 24.55 -25.06
N GLY A 189 -11.71 25.40 -24.37
CA GLY A 189 -12.28 26.14 -23.25
C GLY A 189 -12.61 25.33 -22.02
N MET A 190 -11.91 24.23 -21.82
CA MET A 190 -12.07 23.46 -20.60
C MET A 190 -10.99 23.87 -19.59
N VAL A 191 -11.39 24.02 -18.33
CA VAL A 191 -10.42 24.30 -17.29
C VAL A 191 -10.02 23.03 -16.58
N PHE A 192 -8.72 22.85 -16.35
CA PHE A 192 -8.20 21.61 -15.77
C PHE A 192 -6.82 21.82 -15.13
N ARG A 193 -6.49 20.99 -14.16
CA ARG A 193 -5.20 21.09 -13.50
C ARG A 193 -4.25 20.17 -14.22
N ARG A 194 -3.06 20.66 -14.52
CA ARG A 194 -2.07 19.88 -15.22
C ARG A 194 -0.73 19.88 -14.46
N PHE A 195 -0.04 18.74 -14.49
CA PHE A 195 1.25 18.60 -13.85
C PHE A 195 2.35 18.96 -14.82
N HIS A 196 3.37 19.70 -14.39
CA HIS A 196 4.61 19.83 -15.20
C HIS A 196 5.78 19.39 -14.38
N ASP A 197 6.57 18.48 -14.91
CA ASP A 197 7.73 17.99 -14.21
C ASP A 197 8.72 19.07 -14.56
N LEU A 198 9.47 19.57 -13.58
CA LEU A 198 10.39 20.65 -13.82
C LEU A 198 11.83 20.09 -13.96
N THR A 199 12.51 20.47 -15.01
CA THR A 199 13.81 19.94 -15.10
C THR A 199 14.72 20.62 -14.05
N LEU A 200 15.51 19.81 -13.36
CA LEU A 200 16.33 20.25 -12.29
C LEU A 200 17.77 20.41 -12.78
N THR A 201 18.58 21.29 -12.22
CA THR A 201 19.99 21.21 -12.59
C THR A 201 20.53 19.83 -12.21
N ARG A 202 20.01 19.20 -11.17
CA ARG A 202 20.47 17.89 -10.77
C ARG A 202 19.39 17.21 -9.97
N SER A 203 18.89 16.08 -10.43
CA SER A 203 17.82 15.45 -9.72
C SER A 203 18.18 14.15 -8.99
N ARG A 204 19.49 13.88 -8.89
CA ARG A 204 20.02 12.68 -8.22
CA ARG A 204 19.94 12.72 -8.17
C ARG A 204 21.12 13.02 -7.22
N SER A 205 21.14 12.29 -6.11
CA SER A 205 22.20 12.41 -5.15
C SER A 205 22.67 11.02 -4.82
N PRO A 206 23.95 10.74 -5.10
CA PRO A 206 24.49 9.40 -4.90
C PRO A 206 24.54 9.04 -3.40
N ILE A 207 25.02 9.96 -2.58
CA ILE A 207 25.04 9.77 -1.13
C ILE A 207 24.38 10.99 -0.45
N PHE A 208 23.14 10.86 -0.01
CA PHE A 208 22.46 11.99 0.58
C PHE A 208 22.67 11.95 2.08
N SER A 209 23.58 12.78 2.59
CA SER A 209 23.91 12.63 3.98
C SER A 209 23.73 13.91 4.77
N LEU A 210 23.75 15.04 4.11
CA LEU A 210 23.54 16.28 4.87
C LEU A 210 22.38 17.12 4.39
N SER A 211 22.65 18.01 3.45
CA SER A 211 21.68 18.95 2.97
C SER A 211 21.77 18.98 1.46
N TRP A 212 20.72 19.44 0.80
CA TRP A 212 20.73 19.38 -0.66
C TRP A 212 19.79 20.46 -1.20
N THR A 213 20.36 21.37 -1.97
CA THR A 213 19.58 22.44 -2.56
C THR A 213 19.22 21.98 -3.98
N VAL A 214 17.93 21.74 -4.21
CA VAL A 214 17.41 21.30 -5.47
C VAL A 214 17.03 22.53 -6.27
N MET A 215 17.30 22.51 -7.58
CA MET A 215 17.23 23.74 -8.40
C MET A 215 16.60 23.56 -9.80
N HIS A 216 15.71 24.47 -10.12
CA HIS A 216 15.07 24.50 -11.40
C HIS A 216 15.36 25.82 -12.11
N PRO A 217 16.31 25.83 -13.04
CA PRO A 217 16.58 27.06 -13.74
C PRO A 217 15.36 27.46 -14.51
N ILE A 218 14.94 28.72 -14.41
CA ILE A 218 13.79 29.14 -15.15
C ILE A 218 14.34 29.62 -16.47
N ASP A 219 14.42 28.73 -17.46
CA ASP A 219 14.90 29.10 -18.77
C ASP A 219 13.72 29.10 -19.77
N HIS A 220 14.02 29.42 -21.02
CA HIS A 220 12.98 29.48 -22.06
CA HIS A 220 13.04 29.43 -22.11
C HIS A 220 12.10 28.22 -22.04
N HIS A 221 12.66 27.07 -21.69
CA HIS A 221 11.88 25.81 -21.63
C HIS A 221 11.00 25.65 -20.40
N SER A 222 11.18 26.51 -19.39
CA SER A 222 10.43 26.37 -18.15
C SER A 222 8.96 26.69 -18.28
N PRO A 223 8.09 25.90 -17.67
CA PRO A 223 6.70 26.35 -17.62
C PRO A 223 6.47 27.57 -16.71
N ILE A 224 7.46 28.00 -15.95
CA ILE A 224 7.26 29.21 -15.20
C ILE A 224 8.12 30.35 -15.75
N TYR A 225 8.68 30.15 -16.95
CA TYR A 225 9.32 31.26 -17.66
C TYR A 225 8.32 32.39 -17.83
N GLY A 226 8.70 33.60 -17.46
CA GLY A 226 7.86 34.77 -17.68
C GLY A 226 6.79 34.94 -16.61
N GLU A 227 6.73 34.02 -15.69
CA GLU A 227 5.66 34.01 -14.70
C GLU A 227 6.03 34.96 -13.53
N THR A 228 5.04 35.55 -12.89
CA THR A 228 5.30 36.37 -11.72
C THR A 228 4.50 35.86 -10.54
N ASP A 229 4.79 36.42 -9.38
CA ASP A 229 4.00 36.09 -8.24
C ASP A 229 2.53 36.21 -8.58
N GLU A 230 2.19 37.22 -9.35
CA GLU A 230 0.79 37.47 -9.60
C GLU A 230 0.21 36.41 -10.52
N THR A 231 0.91 36.08 -11.59
CA THR A 231 0.39 35.11 -12.57
C THR A 231 0.35 33.69 -12.00
N LEU A 232 1.31 33.35 -11.14
CA LEU A 232 1.25 32.06 -10.47
C LEU A 232 0.01 32.01 -9.59
N ARG A 233 -0.25 33.09 -8.85
CA ARG A 233 -1.44 33.14 -7.97
C ARG A 233 -2.71 32.88 -8.75
N ASN A 234 -2.87 33.59 -9.87
CA ASN A 234 -4.07 33.45 -10.67
C ASN A 234 -4.27 32.07 -11.28
N SER A 235 -3.19 31.34 -11.57
CA SER A 235 -3.36 29.96 -12.06
C SER A 235 -3.47 28.94 -10.92
N HIS A 236 -3.37 29.41 -9.69
CA HIS A 236 -3.43 28.55 -8.50
CA HIS A 236 -3.50 28.52 -8.56
C HIS A 236 -2.32 27.53 -8.52
N SER A 237 -1.14 28.03 -8.81
CA SER A 237 0.05 27.21 -8.92
C SER A 237 0.52 26.69 -7.57
N GLU A 238 0.76 25.38 -7.51
CA GLU A 238 1.40 24.77 -6.37
C GLU A 238 2.62 23.98 -6.85
N PHE A 239 3.50 23.61 -5.92
CA PHE A 239 4.69 22.88 -6.28
C PHE A 239 4.76 21.70 -5.39
N LEU A 240 5.00 20.54 -6.04
CA LEU A 240 4.93 19.28 -5.37
C LEU A 240 6.30 18.60 -5.50
N VAL A 241 6.79 18.01 -4.42
CA VAL A 241 8.14 17.44 -4.47
C VAL A 241 8.05 16.03 -3.96
N LEU A 242 8.62 15.08 -4.69
CA LEU A 242 8.74 13.72 -4.22
C LEU A 242 10.20 13.45 -4.12
N PHE A 243 10.61 12.82 -3.03
CA PHE A 243 11.99 12.42 -2.82
C PHE A 243 11.96 10.90 -2.62
N THR A 244 12.95 10.18 -3.14
CA THR A 244 13.03 8.75 -2.82
C THR A 244 14.50 8.35 -2.67
N GLY A 245 14.77 7.26 -1.96
CA GLY A 245 16.12 6.77 -1.92
C GLY A 245 16.19 5.49 -1.17
N HIS A 246 17.40 4.95 -1.07
CA HIS A 246 17.58 3.72 -0.35
C HIS A 246 18.22 4.12 0.98
N HIS A 247 17.47 3.92 2.05
CA HIS A 247 18.00 4.18 3.36
C HIS A 247 18.91 3.03 3.84
N GLU A 248 20.17 3.37 4.11
CA GLU A 248 21.14 2.37 4.57
C GLU A 248 20.85 1.95 6.00
N ALA A 249 20.36 2.90 6.82
CA ALA A 249 19.93 2.56 8.18
C ALA A 249 19.05 1.31 8.19
N PHE A 250 18.07 1.25 7.29
CA PHE A 250 17.05 0.21 7.30
C PHE A 250 17.21 -0.79 6.16
N ALA A 251 18.25 -0.62 5.36
CA ALA A 251 18.43 -1.46 4.18
C ALA A 251 17.13 -1.56 3.39
N GLN A 252 16.40 -0.46 3.26
CA GLN A 252 15.23 -0.48 2.39
C GLN A 252 14.87 0.88 1.80
N ASN A 253 13.99 0.88 0.82
CA ASN A 253 13.61 2.15 0.20
C ASN A 253 12.67 3.02 1.00
N VAL A 254 12.98 4.32 0.99
CA VAL A 254 12.11 5.30 1.61
C VAL A 254 11.69 6.37 0.61
N HIS A 255 10.64 7.09 0.94
CA HIS A 255 10.06 8.09 0.07
CA HIS A 255 10.23 8.19 0.09
C HIS A 255 9.62 9.25 0.98
N ALA A 256 9.59 10.49 0.45
CA ALA A 256 9.05 11.60 1.24
C ALA A 256 8.40 12.63 0.31
N ARG A 257 7.40 13.34 0.77
CA ARG A 257 6.76 14.32 -0.12
C ARG A 257 6.43 15.64 0.58
N HIS A 258 6.28 16.71 -0.17
CA HIS A 258 5.98 18.00 0.43
C HIS A 258 5.38 18.82 -0.68
N ALA A 259 4.66 19.86 -0.32
CA ALA A 259 4.07 20.71 -1.33
C ALA A 259 4.18 22.16 -0.85
N TYR A 260 4.26 23.09 -1.81
CA TYR A 260 4.31 24.49 -1.54
C TYR A 260 3.28 25.25 -2.37
N SER A 261 2.67 26.27 -1.76
CA SER A 261 1.83 27.20 -2.51
C SER A 261 2.65 28.41 -2.98
N CYS A 262 2.06 29.30 -3.77
CA CYS A 262 2.76 30.51 -4.26
C CYS A 262 3.29 31.38 -3.15
N ASP A 263 2.50 31.48 -2.09
CA ASP A 263 2.84 32.22 -0.91
C ASP A 263 4.23 31.87 -0.43
N GLU A 264 4.68 30.65 -0.73
CA GLU A 264 5.83 30.13 -0.01
C GLU A 264 7.02 30.18 -0.90
N ILE A 265 6.91 31.00 -1.93
CA ILE A 265 8.09 31.35 -2.69
C ILE A 265 8.56 32.73 -2.31
N ILE A 266 9.79 32.84 -1.83
CA ILE A 266 10.37 34.14 -1.61
C ILE A 266 11.11 34.57 -2.89
N TRP A 267 10.52 35.43 -3.71
CA TRP A 267 11.20 35.99 -4.87
C TRP A 267 12.41 36.85 -4.48
N GLY A 268 13.62 36.50 -4.87
CA GLY A 268 14.77 37.28 -4.45
C GLY A 268 15.55 36.70 -3.27
N GLY A 269 14.96 35.82 -2.48
CA GLY A 269 15.67 35.27 -1.35
C GLY A 269 16.73 34.24 -1.73
N HIS A 270 17.60 33.90 -0.80
CA HIS A 270 18.63 32.89 -1.00
CA HIS A 270 18.57 32.85 -1.01
C HIS A 270 18.77 32.08 0.29
N PHE A 271 18.95 30.78 0.19
CA PHE A 271 19.06 30.00 1.40
C PHE A 271 20.35 30.41 2.08
N VAL A 272 20.38 30.35 3.41
CA VAL A 272 21.55 30.75 4.15
C VAL A 272 22.44 29.55 4.45
N ASP A 273 23.74 29.81 4.50
CA ASP A 273 24.73 28.81 4.91
C ASP A 273 24.18 28.08 6.11
N VAL A 274 24.23 26.75 6.10
CA VAL A 274 23.50 26.00 7.10
C VAL A 274 24.41 25.57 8.27
N PHE A 275 25.70 25.85 8.10
CA PHE A 275 26.69 25.38 9.04
C PHE A 275 27.00 26.38 10.20
N THR A 276 27.56 25.85 11.29
CA THR A 276 27.88 26.65 12.46
C THR A 276 29.33 26.40 12.87
N THR A 277 29.80 27.11 13.89
CA THR A 277 31.07 26.78 14.49
C THR A 277 30.91 26.57 15.99
N LEU A 278 31.37 25.42 16.46
CA LEU A 278 31.31 25.11 17.87
C LEU A 278 32.51 25.70 18.59
N PRO A 279 32.42 25.87 19.91
CA PRO A 279 33.49 26.46 20.71
C PRO A 279 34.89 25.95 20.35
N ASP A 280 35.09 24.63 20.28
CA ASP A 280 36.41 24.08 19.96
C ASP A 280 36.92 24.43 18.55
N GLY A 281 35.99 24.69 17.63
CA GLY A 281 36.36 25.06 16.27
C GLY A 281 35.79 24.13 15.22
N ARG A 282 35.13 23.07 15.70
CA ARG A 282 34.53 22.07 14.81
C ARG A 282 33.41 22.72 14.01
N ARG A 283 32.90 22.00 13.02
CA ARG A 283 31.77 22.48 12.25
C ARG A 283 30.59 21.57 12.46
N ALA A 284 29.42 22.16 12.72
CA ALA A 284 28.18 21.41 12.85
C ALA A 284 27.11 21.95 11.92
N LEU A 285 26.23 21.08 11.45
CA LEU A 285 25.11 21.50 10.62
C LEU A 285 24.10 22.11 11.59
N ASP A 286 23.75 23.36 11.39
CA ASP A 286 22.75 23.98 12.26
C ASP A 286 21.41 23.93 11.54
N LEU A 287 20.67 22.85 11.77
CA LEU A 287 19.38 22.68 11.14
C LEU A 287 18.42 23.73 11.64
N GLY A 288 18.92 24.59 12.52
CA GLY A 288 18.21 25.77 12.97
C GLY A 288 18.24 26.83 11.88
N LYS A 289 19.33 26.89 11.13
CA LYS A 289 19.43 27.81 10.01
C LYS A 289 18.72 27.30 8.73
N PHE A 290 18.42 26.00 8.70
CA PHE A 290 17.95 25.30 7.53
C PHE A 290 16.80 25.98 6.80
N HIS A 291 15.83 26.51 7.53
CA HIS A 291 14.73 27.26 6.95
C HIS A 291 15.02 28.76 6.86
N GLU A 292 16.23 29.19 7.14
CA GLU A 292 16.46 30.63 7.08
C GLU A 292 16.71 31.09 5.65
N ILE A 293 16.17 32.26 5.35
CA ILE A 293 16.29 32.88 4.04
C ILE A 293 16.72 34.36 4.10
N ALA A 294 17.84 34.66 3.47
CA ALA A 294 18.31 36.02 3.23
C ALA A 294 17.50 36.79 2.19
N GLN A 295 17.17 38.05 2.45
CA GLN A 295 16.66 38.95 1.41
C GLN A 295 17.28 40.33 1.54
N HIS A 296 17.38 41.00 0.40
CA HIS A 296 17.81 42.38 0.35
C HIS A 296 16.64 43.23 0.81
N HIS A 297 16.91 44.24 1.63
CA HIS A 297 15.89 45.15 2.08
C HIS A 297 16.19 46.53 1.56
N HIS A 298 15.22 47.13 0.87
CA HIS A 298 15.44 48.39 0.13
C HIS A 298 15.32 49.63 1.01
N HIS A 299 16.10 50.66 0.70
CA HIS A 299 15.98 51.89 1.45
C HIS A 299 14.65 52.61 1.15
N ILE B 23 -6.72 -21.69 -22.65
CA ILE B 23 -6.59 -22.82 -23.63
C ILE B 23 -5.43 -23.77 -23.28
N THR B 24 -5.52 -25.02 -23.74
CA THR B 24 -4.68 -26.11 -23.21
C THR B 24 -3.20 -26.03 -23.60
N ARG B 25 -2.32 -26.46 -22.70
CA ARG B 25 -0.92 -26.63 -23.01
C ARG B 25 -0.62 -28.12 -23.13
N LEU B 26 0.63 -28.48 -23.46
CA LEU B 26 1.00 -29.91 -23.59
C LEU B 26 1.85 -30.40 -22.43
N ASP B 35 -3.36 -29.95 -6.98
CA ASP B 35 -2.16 -30.65 -7.43
C ASP B 35 -0.95 -30.33 -6.54
N ASP B 36 -1.21 -30.11 -5.24
CA ASP B 36 -0.22 -29.68 -4.22
C ASP B 36 0.35 -28.25 -4.47
N HIS B 37 0.95 -28.04 -5.65
CA HIS B 37 1.42 -26.71 -6.08
C HIS B 37 0.21 -25.80 -6.36
N TYR B 38 -0.96 -26.18 -5.83
CA TYR B 38 -2.16 -25.36 -5.94
C TYR B 38 -2.19 -24.29 -4.84
N HIS B 39 -1.64 -23.11 -5.12
CA HIS B 39 -1.57 -21.98 -4.19
C HIS B 39 -2.83 -21.09 -4.27
N ASP B 40 -3.98 -21.73 -4.23
CA ASP B 40 -5.25 -21.05 -3.99
C ASP B 40 -5.19 -20.44 -2.61
N LEU B 41 -4.29 -20.99 -1.79
CA LEU B 41 -4.11 -20.58 -0.40
C LEU B 41 -3.87 -19.08 -0.30
N LEU B 42 -3.20 -18.54 -1.30
CA LEU B 42 -2.84 -17.11 -1.34
C LEU B 42 -3.98 -16.21 -1.80
N THR B 43 -4.92 -16.76 -2.55
CA THR B 43 -5.93 -15.94 -3.24
C THR B 43 -7.34 -16.01 -2.67
N VAL B 44 -7.68 -17.16 -2.12
CA VAL B 44 -8.99 -17.37 -1.54
C VAL B 44 -9.28 -16.35 -0.46
N SER B 45 -10.54 -16.23 -0.10
CA SER B 45 -10.97 -15.28 0.90
C SER B 45 -10.50 -15.69 2.29
N TRP B 46 -10.40 -14.73 3.19
CA TRP B 46 -9.96 -15.04 4.52
C TRP B 46 -10.76 -16.19 5.17
N PRO B 47 -12.10 -16.02 5.27
CA PRO B 47 -13.01 -17.03 5.81
C PRO B 47 -12.68 -18.42 5.28
N VAL B 48 -12.52 -18.49 3.96
CA VAL B 48 -12.19 -19.76 3.31
C VAL B 48 -10.81 -20.24 3.73
N PHE B 49 -9.87 -19.31 3.78
CA PHE B 49 -8.50 -19.62 4.19
C PHE B 49 -8.48 -20.17 5.61
N ILE B 50 -9.17 -19.50 6.54
CA ILE B 50 -9.23 -19.96 7.91
C ILE B 50 -9.88 -21.34 8.02
N THR B 51 -10.86 -21.61 7.16
CA THR B 51 -11.52 -22.90 7.15
C THR B 51 -10.57 -24.00 6.71
N LEU B 52 -9.78 -23.73 5.68
CA LEU B 52 -8.80 -24.70 5.21
C LEU B 52 -7.72 -24.98 6.25
N ILE B 53 -7.21 -23.92 6.87
CA ILE B 53 -6.22 -24.07 7.93
C ILE B 53 -6.84 -24.91 9.04
N THR B 54 -8.04 -24.52 9.45
CA THR B 54 -8.72 -25.22 10.51
C THR B 54 -8.93 -26.70 10.17
N GLY B 55 -9.39 -26.96 8.93
CA GLY B 55 -9.64 -28.33 8.52
C GLY B 55 -8.34 -29.12 8.49
N LEU B 56 -7.29 -28.49 7.98
CA LEU B 56 -6.05 -29.23 7.86
C LEU B 56 -5.55 -29.57 9.26
N TYR B 57 -5.98 -28.76 10.22
CA TYR B 57 -5.53 -28.92 11.60
C TYR B 57 -6.32 -30.01 12.35
N LEU B 58 -7.62 -30.05 12.12
CA LEU B 58 -8.42 -31.16 12.62
C LEU B 58 -7.93 -32.49 12.02
N VAL B 59 -7.83 -32.54 10.70
CA VAL B 59 -7.44 -33.78 10.03
C VAL B 59 -6.09 -34.32 10.51
N THR B 60 -5.12 -33.43 10.73
CA THR B 60 -3.78 -33.85 11.14
C THR B 60 -3.81 -34.42 12.58
N ASN B 61 -4.68 -33.86 13.42
CA ASN B 61 -4.89 -34.43 14.74
C ASN B 61 -5.65 -35.75 14.67
N ALA B 62 -6.63 -35.84 13.77
CA ALA B 62 -7.33 -37.08 13.51
C ALA B 62 -6.31 -38.14 13.18
N LEU B 63 -5.35 -37.82 12.31
CA LEU B 63 -4.35 -38.80 11.92
C LEU B 63 -3.45 -39.23 13.08
N PHE B 64 -2.95 -38.28 13.85
CA PHE B 64 -2.16 -38.65 15.00
C PHE B 64 -2.95 -39.49 16.02
N ALA B 65 -4.22 -39.16 16.22
CA ALA B 65 -5.00 -39.87 17.21
C ALA B 65 -5.06 -41.36 16.81
N LEU B 66 -5.25 -41.60 15.52
CA LEU B 66 -5.29 -42.94 14.99
C LEU B 66 -3.97 -43.60 15.24
N ALA B 67 -2.89 -42.91 14.91
CA ALA B 67 -1.56 -43.45 15.09
C ALA B 67 -1.43 -43.98 16.52
N TYR B 68 -1.71 -43.11 17.49
CA TYR B 68 -1.69 -43.55 18.89
C TYR B 68 -2.53 -44.80 19.16
N LEU B 69 -3.73 -44.87 18.57
CA LEU B 69 -4.58 -46.03 18.75
C LEU B 69 -3.96 -47.28 18.10
N ALA B 70 -3.36 -47.10 16.92
CA ALA B 70 -2.62 -48.18 16.31
C ALA B 70 -1.71 -48.89 17.32
N CYS B 71 -1.10 -48.11 18.21
CA CYS B 71 -0.17 -48.71 19.19
C CYS B 71 -0.82 -49.29 20.44
N GLY B 72 -2.15 -49.20 20.56
CA GLY B 72 -2.83 -49.72 21.75
C GLY B 72 -3.31 -48.65 22.72
N ASP B 73 -3.01 -48.85 24.01
CA ASP B 73 -3.29 -47.84 25.01
C ASP B 73 -1.98 -47.20 25.44
N VAL B 74 -1.30 -46.50 24.53
CA VAL B 74 -0.04 -45.87 24.90
C VAL B 74 -0.25 -44.45 25.46
N ILE B 75 -1.50 -44.08 25.70
CA ILE B 75 -1.76 -42.83 26.40
C ILE B 75 -2.33 -43.09 27.79
N GLU B 76 -1.59 -42.71 28.83
CA GLU B 76 -2.09 -42.81 30.21
C GLU B 76 -3.38 -42.01 30.38
N ASN B 77 -4.31 -42.53 31.19
CA ASN B 77 -5.53 -41.82 31.54
C ASN B 77 -6.52 -41.58 30.42
N ALA B 78 -6.40 -42.38 29.35
CA ALA B 78 -7.35 -42.31 28.24
C ALA B 78 -8.23 -43.56 28.10
N ARG B 79 -9.56 -43.40 28.22
CA ARG B 79 -10.44 -44.53 27.97
C ARG B 79 -9.85 -45.37 26.84
N PRO B 80 -9.66 -46.69 27.08
CA PRO B 80 -9.00 -47.48 26.02
C PRO B 80 -9.75 -47.40 24.67
N GLY B 81 -9.01 -47.32 23.58
CA GLY B 81 -9.60 -47.40 22.25
C GLY B 81 -10.41 -46.18 21.86
N SER B 82 -10.46 -45.18 22.74
CA SER B 82 -11.27 -43.98 22.53
C SER B 82 -10.62 -43.01 21.57
N PHE B 83 -11.34 -42.68 20.50
CA PHE B 83 -10.80 -41.74 19.52
C PHE B 83 -10.70 -40.32 20.11
N THR B 84 -11.73 -39.93 20.86
CA THR B 84 -11.76 -38.64 21.51
C THR B 84 -10.53 -38.30 22.31
N ASP B 85 -10.23 -39.18 23.26
CA ASP B 85 -9.15 -38.94 24.18
C ASP B 85 -7.81 -38.95 23.42
N ALA B 86 -7.73 -39.76 22.38
CA ALA B 86 -6.51 -39.84 21.59
C ALA B 86 -6.33 -38.57 20.76
N PHE B 87 -7.45 -38.00 20.35
CA PHE B 87 -7.49 -36.77 19.61
C PHE B 87 -7.06 -35.58 20.47
N PHE B 88 -7.75 -35.39 21.59
CA PHE B 88 -7.41 -34.29 22.46
C PHE B 88 -6.00 -34.45 22.99
N PHE B 89 -5.54 -35.70 23.14
CA PHE B 89 -4.15 -35.90 23.52
C PHE B 89 -3.22 -35.35 22.44
N SER B 90 -3.54 -35.68 21.20
CA SER B 90 -2.80 -35.21 20.06
C SER B 90 -2.80 -33.67 20.11
N VAL B 91 -4.00 -33.10 20.13
CA VAL B 91 -4.15 -31.67 20.24
C VAL B 91 -3.22 -31.04 21.27
N GLN B 92 -3.15 -31.60 22.48
CA GLN B 92 -2.39 -30.96 23.54
C GLN B 92 -0.91 -31.14 23.32
N THR B 93 -0.57 -32.11 22.48
CA THR B 93 0.80 -32.41 22.16
C THR B 93 1.22 -31.44 21.05
N MET B 94 0.39 -31.36 20.03
CA MET B 94 0.77 -30.60 18.86
C MET B 94 0.78 -29.13 19.20
N ALA B 95 -0.25 -28.65 19.90
CA ALA B 95 -0.22 -27.24 20.31
C ALA B 95 0.84 -27.05 21.42
N THR B 96 1.33 -28.17 21.96
CA THR B 96 2.27 -28.09 23.09
C THR B 96 1.62 -27.53 24.37
N ILE B 97 0.35 -27.82 24.61
CA ILE B 97 -0.26 -27.40 25.86
C ILE B 97 0.12 -28.33 27.04
N GLY B 98 0.22 -29.62 26.73
CA GLY B 98 0.80 -30.57 27.66
C GLY B 98 0.29 -30.49 29.07
N TYR B 99 -1.03 -30.55 29.24
CA TYR B 99 -1.60 -30.48 30.58
C TYR B 99 -0.91 -31.49 31.51
N GLY B 100 -0.87 -32.75 31.10
CA GLY B 100 -0.06 -33.73 31.79
C GLY B 100 -0.86 -34.80 32.49
N LYS B 101 -2.18 -34.72 32.36
CA LYS B 101 -3.10 -35.78 32.74
C LYS B 101 -2.92 -36.89 31.72
N LEU B 102 -3.19 -36.59 30.46
CA LEU B 102 -2.88 -37.52 29.39
C LEU B 102 -1.38 -37.42 29.11
N ILE B 103 -0.71 -38.55 29.05
CA ILE B 103 0.69 -38.56 28.69
C ILE B 103 1.00 -39.83 27.93
N PRO B 104 2.16 -39.85 27.25
CA PRO B 104 2.56 -41.00 26.46
C PRO B 104 3.33 -42.02 27.31
N ILE B 105 3.25 -43.30 26.95
CA ILE B 105 4.03 -44.28 27.67
C ILE B 105 4.96 -45.14 26.82
N GLY B 106 4.47 -45.64 25.69
CA GLY B 106 5.35 -46.42 24.82
C GLY B 106 6.63 -45.64 24.50
N PRO B 107 7.69 -46.34 24.06
CA PRO B 107 8.67 -45.58 23.29
C PRO B 107 8.01 -45.26 21.97
N LEU B 108 6.92 -45.96 21.65
CA LEU B 108 6.12 -45.69 20.47
C LEU B 108 5.40 -44.35 20.60
N ALA B 109 4.66 -44.17 21.68
CA ALA B 109 3.99 -42.90 21.94
C ALA B 109 4.96 -41.69 21.97
N ASN B 110 6.05 -41.81 22.73
CA ASN B 110 7.05 -40.76 22.78
C ASN B 110 7.72 -40.47 21.45
N THR B 111 7.65 -41.44 20.53
CA THR B 111 8.22 -41.22 19.21
C THR B 111 7.28 -40.38 18.39
N LEU B 112 6.00 -40.72 18.47
CA LEU B 112 4.97 -39.98 17.76
C LEU B 112 4.89 -38.55 18.29
N VAL B 113 4.92 -38.43 19.62
CA VAL B 113 4.98 -37.14 20.26
C VAL B 113 6.10 -36.29 19.67
N THR B 114 7.27 -36.90 19.48
CA THR B 114 8.43 -36.18 18.99
C THR B 114 8.13 -35.73 17.58
N LEU B 115 7.52 -36.61 16.80
CA LEU B 115 7.12 -36.29 15.44
C LEU B 115 6.03 -35.19 15.44
N GLU B 116 5.09 -35.26 16.36
CA GLU B 116 3.97 -34.36 16.37
C GLU B 116 4.41 -32.96 16.80
N ALA B 117 5.51 -32.93 17.56
CA ALA B 117 6.04 -31.67 18.02
C ALA B 117 6.64 -30.93 16.85
N LEU B 118 7.41 -31.65 16.04
CA LEU B 118 7.98 -31.08 14.84
C LEU B 118 6.84 -30.56 13.96
N CYS B 119 5.79 -31.34 13.75
CA CYS B 119 4.71 -30.90 12.89
C CYS B 119 4.04 -29.63 13.35
N GLY B 120 3.76 -29.55 14.64
CA GLY B 120 3.12 -28.34 15.14
C GLY B 120 4.01 -27.17 14.85
N MET B 121 5.32 -27.36 15.01
CA MET B 121 6.26 -26.27 14.78
CA MET B 121 6.29 -26.29 14.77
C MET B 121 6.33 -25.88 13.28
N LEU B 122 6.48 -26.87 12.38
CA LEU B 122 6.46 -26.57 10.96
C LEU B 122 5.11 -25.96 10.57
N GLY B 123 4.01 -26.54 11.07
CA GLY B 123 2.67 -26.04 10.76
C GLY B 123 2.43 -24.57 11.11
N LEU B 124 2.84 -24.17 12.31
CA LEU B 124 2.80 -22.78 12.72
C LEU B 124 3.65 -21.96 11.76
N ALA B 125 4.86 -22.47 11.52
CA ALA B 125 5.83 -21.74 10.70
C ALA B 125 5.22 -21.54 9.34
N VAL B 126 4.60 -22.58 8.79
CA VAL B 126 3.90 -22.43 7.50
C VAL B 126 2.68 -21.52 7.59
N ALA B 127 1.84 -21.73 8.58
CA ALA B 127 0.65 -20.92 8.65
C ALA B 127 0.99 -19.45 8.70
N ALA B 128 2.13 -19.12 9.30
CA ALA B 128 2.44 -17.72 9.53
C ALA B 128 3.02 -17.16 8.23
N SER B 129 3.81 -17.98 7.55
CA SER B 129 4.24 -17.71 6.21
C SER B 129 3.08 -17.33 5.32
N LEU B 130 2.03 -18.15 5.29
CA LEU B 130 0.93 -17.92 4.33
C LEU B 130 0.19 -16.64 4.68
N ILE B 131 -0.01 -16.42 5.97
CA ILE B 131 -0.66 -15.19 6.43
C ILE B 131 0.18 -13.94 6.12
N TYR B 132 1.46 -13.97 6.48
CA TYR B 132 2.25 -12.81 6.18
C TYR B 132 2.19 -12.51 4.68
N ALA B 133 2.25 -13.55 3.85
CA ALA B 133 2.27 -13.36 2.41
C ALA B 133 0.97 -12.71 2.03
N ARG B 134 -0.13 -13.35 2.42
CA ARG B 134 -1.43 -12.88 2.00
C ARG B 134 -1.59 -11.40 2.31
N PHE B 135 -0.95 -10.96 3.39
CA PHE B 135 -0.95 -9.57 3.84
C PHE B 135 -0.18 -8.67 2.89
N THR B 136 0.62 -9.25 2.02
CA THR B 136 1.53 -8.47 1.22
C THR B 136 1.34 -8.71 -0.27
N ARG B 137 0.19 -9.26 -0.65
CA ARG B 137 -0.20 -9.21 -2.05
C ARG B 137 -1.48 -8.38 -2.20
N PRO B 138 -1.39 -7.08 -1.87
CA PRO B 138 -2.58 -6.23 -1.80
C PRO B 138 -3.04 -5.81 -3.18
N THR B 139 -4.34 -5.55 -3.33
CA THR B 139 -4.88 -5.03 -4.60
C THR B 139 -4.54 -3.55 -4.79
N ALA B 140 -4.55 -3.09 -6.03
CA ALA B 140 -4.20 -1.71 -6.29
C ALA B 140 -5.25 -0.71 -5.82
N GLY B 141 -6.51 -1.15 -5.63
CA GLY B 141 -7.64 -0.26 -5.36
C GLY B 141 -7.79 0.85 -6.38
N VAL B 142 -7.81 0.48 -7.66
CA VAL B 142 -7.81 1.45 -8.74
C VAL B 142 -9.02 1.24 -9.63
N LEU B 143 -9.77 2.30 -9.88
CA LEU B 143 -10.95 2.20 -10.69
C LEU B 143 -10.58 2.65 -12.07
N PHE B 144 -10.97 1.87 -13.06
CA PHE B 144 -10.85 2.21 -14.44
C PHE B 144 -12.22 2.67 -15.03
N SER B 145 -12.24 3.75 -15.80
CA SER B 145 -13.48 4.13 -16.43
C SER B 145 -14.00 3.00 -17.32
N SER B 146 -15.31 2.85 -17.42
CA SER B 146 -15.85 1.72 -18.11
C SER B 146 -15.69 1.85 -19.59
N ARG B 147 -15.23 3.01 -20.03
CA ARG B 147 -15.18 3.28 -21.45
C ARG B 147 -14.00 4.17 -21.77
N MET B 148 -13.68 4.27 -23.06
CA MET B 148 -12.75 5.30 -23.51
C MET B 148 -13.53 6.33 -24.36
N VAL B 149 -12.91 7.47 -24.62
CA VAL B 149 -13.46 8.43 -25.54
C VAL B 149 -12.42 8.79 -26.58
N ILE B 150 -12.86 9.27 -27.73
CA ILE B 150 -11.98 10.03 -28.61
C ILE B 150 -12.66 11.37 -28.86
N SER B 151 -11.95 12.45 -28.53
CA SER B 151 -12.49 13.76 -28.69
C SER B 151 -11.38 14.80 -28.64
N ASP B 152 -11.68 16.04 -29.02
CA ASP B 152 -10.65 17.05 -29.13
C ASP B 152 -10.10 17.52 -27.81
N PHE B 153 -8.77 17.51 -27.72
CA PHE B 153 -8.09 18.17 -26.61
C PHE B 153 -6.89 18.96 -27.13
N GLU B 154 -6.76 20.22 -26.71
CA GLU B 154 -5.75 21.08 -27.30
C GLU B 154 -5.75 20.95 -28.81
N GLY B 155 -6.93 20.91 -29.44
CA GLY B 155 -7.02 20.95 -30.90
C GLY B 155 -6.75 19.67 -31.69
N LYS B 156 -6.41 18.57 -31.02
CA LYS B 156 -6.25 17.29 -31.70
C LYS B 156 -7.28 16.32 -31.15
N PRO B 157 -7.83 15.44 -32.01
CA PRO B 157 -8.54 14.28 -31.50
C PRO B 157 -7.61 13.53 -30.55
N THR B 158 -8.15 13.04 -29.43
CA THR B 158 -7.34 12.42 -28.39
C THR B 158 -8.04 11.20 -27.80
N LEU B 159 -7.34 10.07 -27.67
CA LEU B 159 -7.94 8.89 -27.06
C LEU B 159 -7.72 9.00 -25.57
N MET B 160 -8.78 8.79 -24.79
CA MET B 160 -8.63 8.97 -23.36
C MET B 160 -9.42 7.97 -22.62
N MET B 161 -9.03 7.77 -21.37
CA MET B 161 -9.76 6.97 -20.39
C MET B 161 -9.27 7.61 -19.09
N ARG B 162 -9.76 7.18 -17.93
CA ARG B 162 -9.30 7.76 -16.68
C ARG B 162 -9.27 6.74 -15.57
N LEU B 163 -8.50 7.04 -14.53
CA LEU B 163 -8.31 6.14 -13.39
C LEU B 163 -8.56 6.88 -12.10
N ALA B 164 -9.02 6.17 -11.10
CA ALA B 164 -9.24 6.77 -9.78
C ALA B 164 -8.62 5.90 -8.69
N ASN B 165 -7.99 6.56 -7.73
CA ASN B 165 -7.51 5.93 -6.52
C ASN B 165 -8.65 5.79 -5.53
N LEU B 166 -9.05 4.55 -5.23
CA LEU B 166 -10.20 4.27 -4.36
C LEU B 166 -9.89 4.28 -2.87
N ARG B 167 -8.70 4.73 -2.51
CA ARG B 167 -8.26 4.70 -1.11
C ARG B 167 -7.69 6.07 -0.79
N ILE B 168 -7.66 6.40 0.49
CA ILE B 168 -7.13 7.69 0.88
C ILE B 168 -5.63 7.67 0.69
N GLU B 169 -4.97 6.56 0.99
CA GLU B 169 -3.51 6.53 0.79
C GLU B 169 -3.09 6.79 -0.66
N GLN B 170 -1.93 7.38 -0.79
CA GLN B 170 -1.46 7.76 -2.08
C GLN B 170 -0.56 6.72 -2.69
N ILE B 171 -0.49 6.75 -4.00
CA ILE B 171 0.35 5.86 -4.71
C ILE B 171 1.44 6.72 -5.32
N ILE B 172 2.69 6.35 -5.11
CA ILE B 172 3.74 7.20 -5.55
C ILE B 172 4.49 6.54 -6.70
N GLU B 173 5.02 7.36 -7.58
CA GLU B 173 5.66 6.85 -8.79
C GLU B 173 4.71 5.95 -9.60
N ALA B 174 3.49 6.41 -9.79
CA ALA B 174 2.52 5.74 -10.65
C ALA B 174 2.94 5.89 -12.10
N ASP B 175 2.94 4.77 -12.85
CA ASP B 175 3.14 4.74 -14.31
C ASP B 175 1.92 4.14 -14.92
N VAL B 176 1.56 4.64 -16.09
CA VAL B 176 0.53 4.00 -16.84
C VAL B 176 0.99 3.81 -18.22
N HIS B 177 0.57 2.72 -18.84
CA HIS B 177 0.85 2.50 -20.25
C HIS B 177 -0.48 2.25 -20.97
N LEU B 178 -0.60 2.82 -22.16
CA LEU B 178 -1.77 2.58 -22.98
C LEU B 178 -1.29 1.93 -24.24
N VAL B 179 -1.70 0.68 -24.45
CA VAL B 179 -1.12 -0.14 -25.51
C VAL B 179 -2.19 -0.61 -26.47
N LEU B 180 -1.99 -0.34 -27.75
CA LEU B 180 -2.85 -0.88 -28.81
C LEU B 180 -2.39 -2.26 -29.25
N VAL B 181 -3.33 -3.20 -29.30
CA VAL B 181 -3.05 -4.50 -29.91
C VAL B 181 -3.98 -4.68 -31.07
N ARG B 182 -3.42 -4.84 -32.25
CA ARG B 182 -4.23 -5.10 -33.42
C ARG B 182 -3.51 -6.02 -34.40
N SER B 183 -4.25 -6.54 -35.36
CA SER B 183 -3.66 -7.48 -36.32
C SER B 183 -3.12 -6.79 -37.55
N GLU B 184 -1.90 -7.13 -37.94
CA GLU B 184 -1.24 -6.48 -39.08
C GLU B 184 -0.56 -7.50 -39.98
N ILE B 185 -0.19 -7.07 -41.19
CA ILE B 185 0.42 -7.97 -42.17
C ILE B 185 1.89 -7.61 -42.45
N SER B 186 2.79 -8.59 -42.43
CA SER B 186 4.20 -8.36 -42.73
C SER B 186 4.47 -8.44 -44.23
N GLN B 187 5.62 -7.97 -44.66
CA GLN B 187 5.98 -8.12 -46.06
C GLN B 187 5.85 -9.56 -46.48
N GLU B 188 6.34 -10.47 -45.64
CA GLU B 188 6.36 -11.90 -45.96
C GLU B 188 4.94 -12.46 -46.05
N GLY B 189 3.95 -11.61 -45.78
CA GLY B 189 2.54 -12.00 -45.80
C GLY B 189 1.95 -12.53 -44.49
N MET B 190 2.81 -12.73 -43.47
CA MET B 190 2.34 -13.31 -42.20
C MET B 190 1.49 -12.31 -41.39
N VAL B 191 0.32 -12.77 -40.94
CA VAL B 191 -0.60 -11.93 -40.17
C VAL B 191 -0.39 -12.20 -38.69
N PHE B 192 -0.12 -11.13 -37.92
CA PHE B 192 0.27 -11.27 -36.51
C PHE B 192 -0.21 -10.07 -35.68
N ARG B 193 -0.25 -10.26 -34.36
CA ARG B 193 -0.67 -9.22 -33.44
C ARG B 193 0.48 -8.28 -33.15
N ARG B 194 0.31 -7.01 -33.49
CA ARG B 194 1.32 -6.02 -33.20
C ARG B 194 0.88 -5.15 -32.00
N PHE B 195 1.89 -4.75 -31.24
CA PHE B 195 1.73 -4.00 -29.99
C PHE B 195 2.28 -2.63 -30.24
N HIS B 196 1.53 -1.61 -29.83
CA HIS B 196 2.03 -0.25 -29.89
C HIS B 196 1.79 0.45 -28.57
N ASP B 197 2.87 0.89 -27.94
CA ASP B 197 2.82 1.63 -26.72
C ASP B 197 2.54 3.03 -27.13
N LEU B 198 1.32 3.51 -26.85
CA LEU B 198 0.88 4.83 -27.32
C LEU B 198 1.48 5.96 -26.49
N THR B 199 1.94 6.99 -27.18
CA THR B 199 2.43 8.21 -26.53
C THR B 199 1.33 8.93 -25.74
N LEU B 200 1.63 9.26 -24.48
CA LEU B 200 0.67 9.87 -23.59
C LEU B 200 1.13 11.31 -23.28
N THR B 201 0.21 12.26 -23.07
CA THR B 201 0.65 13.59 -22.72
C THR B 201 1.41 13.50 -21.38
N ARG B 202 0.96 12.62 -20.48
CA ARG B 202 1.67 12.36 -19.25
CA ARG B 202 1.66 12.38 -19.23
C ARG B 202 1.56 10.88 -18.91
N SER B 203 2.67 10.22 -18.64
CA SER B 203 2.59 8.82 -18.37
C SER B 203 3.11 8.41 -16.99
N ARG B 204 3.87 9.28 -16.33
CA ARG B 204 4.36 9.03 -14.99
C ARG B 204 3.74 10.10 -14.15
N SER B 205 2.97 9.73 -13.14
CA SER B 205 2.50 10.67 -12.09
C SER B 205 3.27 10.43 -10.76
N PRO B 206 3.92 11.48 -10.22
CA PRO B 206 4.89 11.13 -9.19
C PRO B 206 4.16 10.93 -7.85
N ILE B 207 3.00 11.57 -7.72
CA ILE B 207 2.10 11.25 -6.63
C ILE B 207 0.67 11.21 -7.13
N PHE B 208 0.04 10.04 -7.04
CA PHE B 208 -1.34 9.80 -7.55
C PHE B 208 -2.29 9.68 -6.39
N SER B 209 -3.16 10.67 -6.20
CA SER B 209 -4.09 10.61 -5.06
C SER B 209 -5.57 10.50 -5.39
N LEU B 210 -5.98 11.06 -6.50
CA LEU B 210 -7.40 11.12 -6.80
C LEU B 210 -7.82 10.52 -8.14
N SER B 211 -7.76 11.33 -9.18
CA SER B 211 -8.24 10.91 -10.48
C SER B 211 -7.21 11.33 -11.51
N TRP B 212 -7.10 10.59 -12.60
CA TRP B 212 -6.04 10.87 -13.57
C TRP B 212 -6.62 10.55 -14.91
N THR B 213 -6.70 11.55 -15.76
CA THR B 213 -7.23 11.31 -17.10
C THR B 213 -6.03 11.06 -18.00
N VAL B 214 -5.97 9.87 -18.58
CA VAL B 214 -4.85 9.46 -19.37
C VAL B 214 -5.21 9.75 -20.80
N MET B 215 -4.30 10.36 -21.56
CA MET B 215 -4.64 10.85 -22.90
C MET B 215 -3.56 10.55 -23.91
N HIS B 216 -4.00 10.10 -25.09
CA HIS B 216 -3.12 9.85 -26.17
C HIS B 216 -3.48 10.75 -27.36
N PRO B 217 -2.67 11.78 -27.62
CA PRO B 217 -3.01 12.66 -28.76
C PRO B 217 -2.88 11.92 -30.06
N ILE B 218 -3.94 11.85 -30.85
CA ILE B 218 -3.83 11.15 -32.12
C ILE B 218 -3.22 12.08 -33.16
N ASP B 219 -1.90 12.17 -33.16
CA ASP B 219 -1.24 13.03 -34.12
C ASP B 219 -0.71 12.20 -35.31
N HIS B 220 0.04 12.84 -36.20
CA HIS B 220 0.57 12.15 -37.39
C HIS B 220 1.36 10.91 -37.01
N HIS B 221 1.93 10.88 -35.82
CA HIS B 221 2.75 9.74 -35.43
C HIS B 221 1.98 8.62 -34.80
N SER B 222 0.71 8.85 -34.51
CA SER B 222 -0.09 7.83 -33.83
C SER B 222 -0.41 6.64 -34.74
N PRO B 223 -0.35 5.41 -34.22
CA PRO B 223 -0.75 4.33 -35.07
C PRO B 223 -2.26 4.29 -35.29
N ILE B 224 -3.03 5.16 -34.62
CA ILE B 224 -4.45 5.15 -34.91
C ILE B 224 -4.84 6.35 -35.73
N TYR B 225 -3.85 7.13 -36.12
CA TYR B 225 -4.09 8.26 -36.98
C TYR B 225 -4.81 7.77 -38.23
N GLY B 226 -5.99 8.29 -38.48
CA GLY B 226 -6.68 8.04 -39.73
C GLY B 226 -7.61 6.88 -39.57
N GLU B 227 -7.50 6.20 -38.45
CA GLU B 227 -8.34 5.05 -38.14
C GLU B 227 -9.76 5.52 -37.77
N THR B 228 -10.73 4.66 -38.03
CA THR B 228 -12.10 4.94 -37.63
C THR B 228 -12.57 3.76 -36.84
N ASP B 229 -13.78 3.85 -36.33
CA ASP B 229 -14.36 2.71 -35.65
C ASP B 229 -14.33 1.48 -36.56
N GLU B 230 -14.67 1.66 -37.83
CA GLU B 230 -14.72 0.52 -38.73
C GLU B 230 -13.35 -0.12 -38.96
N THR B 231 -12.33 0.69 -39.17
CA THR B 231 -11.01 0.13 -39.40
C THR B 231 -10.50 -0.55 -38.12
N LEU B 232 -10.79 0.03 -36.97
CA LEU B 232 -10.36 -0.60 -35.75
C LEU B 232 -11.05 -1.94 -35.57
N ARG B 233 -12.32 -2.03 -35.97
CA ARG B 233 -12.99 -3.32 -35.87
C ARG B 233 -12.28 -4.35 -36.73
N ASN B 234 -11.97 -3.96 -37.95
CA ASN B 234 -11.37 -4.86 -38.91
C ASN B 234 -10.03 -5.41 -38.46
N SER B 235 -9.21 -4.57 -37.88
CA SER B 235 -7.89 -5.01 -37.42
C SER B 235 -7.97 -5.73 -36.06
N HIS B 236 -9.18 -5.94 -35.56
CA HIS B 236 -9.41 -6.51 -34.22
C HIS B 236 -8.66 -5.74 -33.13
N SER B 237 -8.69 -4.42 -33.23
CA SER B 237 -7.97 -3.58 -32.28
C SER B 237 -8.46 -3.72 -30.85
N GLU B 238 -7.54 -3.82 -29.89
CA GLU B 238 -7.90 -3.68 -28.48
C GLU B 238 -6.98 -2.73 -27.78
N PHE B 239 -7.38 -2.24 -26.62
CA PHE B 239 -6.52 -1.32 -25.87
C PHE B 239 -6.28 -1.78 -24.46
N LEU B 240 -5.02 -2.01 -24.09
CA LEU B 240 -4.68 -2.31 -22.70
C LEU B 240 -4.18 -1.09 -21.95
N VAL B 241 -4.64 -0.96 -20.72
CA VAL B 241 -4.08 0.01 -19.81
C VAL B 241 -3.40 -0.81 -18.75
N LEU B 242 -2.14 -0.48 -18.46
CA LEU B 242 -1.43 -1.08 -17.33
C LEU B 242 -0.91 -0.04 -16.38
N PHE B 243 -1.13 -0.29 -15.10
CA PHE B 243 -0.86 0.70 -14.09
C PHE B 243 0.04 0.09 -13.04
N THR B 244 1.04 0.85 -12.62
CA THR B 244 1.96 0.43 -11.54
C THR B 244 2.23 1.60 -10.61
N GLY B 245 2.51 1.32 -9.36
CA GLY B 245 2.93 2.33 -8.48
C GLY B 245 3.27 1.72 -7.14
N HIS B 246 3.85 2.54 -6.28
CA HIS B 246 4.12 2.11 -4.93
C HIS B 246 3.02 2.66 -4.04
N HIS B 247 2.26 1.77 -3.42
CA HIS B 247 1.16 2.19 -2.56
C HIS B 247 1.68 2.49 -1.18
N GLU B 248 1.33 3.63 -0.63
CA GLU B 248 1.73 3.95 0.73
C GLU B 248 0.93 3.09 1.70
N ALA B 249 -0.28 2.70 1.31
CA ALA B 249 -1.09 1.81 2.14
C ALA B 249 -0.39 0.47 2.47
N PHE B 250 0.46 -0.02 1.57
CA PHE B 250 1.10 -1.31 1.78
C PHE B 250 2.61 -1.22 1.83
N ALA B 251 3.19 -0.09 1.46
CA ALA B 251 4.65 -0.04 1.31
C ALA B 251 5.15 -1.16 0.37
N GLN B 252 4.39 -1.44 -0.70
CA GLN B 252 4.79 -2.43 -1.70
C GLN B 252 4.15 -1.95 -3.01
N ASN B 253 4.76 -2.32 -4.14
CA ASN B 253 4.24 -1.95 -5.44
C ASN B 253 2.95 -2.65 -5.72
N VAL B 254 2.05 -1.98 -6.45
CA VAL B 254 0.80 -2.58 -6.86
C VAL B 254 0.67 -2.49 -8.37
N HIS B 255 -0.26 -3.27 -8.92
CA HIS B 255 -0.38 -3.42 -10.36
C HIS B 255 -1.86 -3.57 -10.64
N ALA B 256 -2.33 -2.91 -11.68
CA ALA B 256 -3.73 -3.07 -12.11
C ALA B 256 -3.76 -2.90 -13.63
N ARG B 257 -4.68 -3.57 -14.29
CA ARG B 257 -4.82 -3.37 -15.73
C ARG B 257 -6.28 -3.56 -16.16
N HIS B 258 -6.55 -3.20 -17.40
CA HIS B 258 -7.89 -3.25 -17.94
C HIS B 258 -7.81 -3.31 -19.48
N ALA B 259 -8.73 -3.97 -20.12
CA ALA B 259 -8.62 -4.01 -21.56
C ALA B 259 -9.86 -3.38 -22.12
N TYR B 260 -9.73 -2.62 -23.18
CA TYR B 260 -10.93 -2.12 -23.84
C TYR B 260 -11.04 -2.62 -25.26
N SER B 261 -12.22 -3.11 -25.63
CA SER B 261 -12.51 -3.35 -27.04
C SER B 261 -13.00 -2.05 -27.74
N CYS B 262 -12.96 -2.08 -29.07
CA CYS B 262 -13.55 -1.05 -29.95
C CYS B 262 -14.93 -0.63 -29.59
N ASP B 263 -15.77 -1.60 -29.25
CA ASP B 263 -17.11 -1.28 -28.77
C ASP B 263 -17.08 -0.22 -27.71
N GLU B 264 -16.01 -0.17 -26.94
CA GLU B 264 -16.06 0.61 -25.71
C GLU B 264 -15.37 1.93 -25.85
N ILE B 265 -15.18 2.35 -27.09
CA ILE B 265 -14.73 3.70 -27.37
C ILE B 265 -15.91 4.57 -27.79
N ILE B 266 -16.19 5.65 -27.07
CA ILE B 266 -17.27 6.54 -27.44
C ILE B 266 -16.64 7.66 -28.26
N TRP B 267 -16.87 7.66 -29.57
CA TRP B 267 -16.33 8.69 -30.43
C TRP B 267 -17.09 9.99 -30.28
N GLY B 268 -16.39 11.07 -30.00
CA GLY B 268 -17.03 12.27 -29.62
C GLY B 268 -17.39 12.41 -28.16
N GLY B 269 -17.12 11.42 -27.31
CA GLY B 269 -17.48 11.57 -25.90
C GLY B 269 -16.56 12.50 -25.14
N HIS B 270 -17.06 13.12 -24.09
CA HIS B 270 -16.24 13.82 -23.13
C HIS B 270 -16.63 13.35 -21.73
N PHE B 271 -15.65 12.91 -20.95
CA PHE B 271 -15.88 12.62 -19.55
C PHE B 271 -16.46 13.80 -18.81
N VAL B 272 -17.41 13.55 -17.92
CA VAL B 272 -17.93 14.56 -17.05
C VAL B 272 -16.99 14.86 -15.91
N ASP B 273 -16.74 16.12 -15.65
CA ASP B 273 -15.93 16.54 -14.53
C ASP B 273 -16.34 15.83 -13.23
N VAL B 274 -15.36 15.25 -12.54
CA VAL B 274 -15.58 14.63 -11.25
C VAL B 274 -15.13 15.56 -10.11
N PHE B 275 -14.41 16.63 -10.45
CA PHE B 275 -13.98 17.61 -9.46
C PHE B 275 -15.03 18.72 -9.41
N THR B 276 -15.52 19.03 -8.22
CA THR B 276 -16.65 19.93 -8.13
C THR B 276 -16.46 20.79 -6.92
N THR B 277 -17.11 21.94 -6.90
CA THR B 277 -17.13 22.78 -5.68
C THR B 277 -18.34 22.52 -4.79
N LEU B 278 -18.12 22.46 -3.48
CA LEU B 278 -19.20 22.19 -2.54
C LEU B 278 -20.00 23.44 -2.17
N PRO B 279 -21.02 23.24 -1.30
CA PRO B 279 -21.80 24.37 -0.76
C PRO B 279 -20.84 25.44 -0.21
N ASP B 280 -19.92 25.02 0.66
CA ASP B 280 -18.98 25.92 1.32
C ASP B 280 -17.98 26.57 0.35
N GLY B 281 -17.64 25.86 -0.71
CA GLY B 281 -16.54 26.27 -1.58
C GLY B 281 -15.34 25.34 -1.37
N ARG B 282 -15.56 24.27 -0.61
CA ARG B 282 -14.60 23.20 -0.50
C ARG B 282 -14.54 22.51 -1.85
N ARG B 283 -13.36 22.07 -2.24
CA ARG B 283 -13.23 21.26 -3.43
C ARG B 283 -13.63 19.81 -3.09
N ALA B 284 -14.29 19.13 -4.01
CA ALA B 284 -14.74 17.78 -3.75
C ALA B 284 -14.46 16.91 -4.96
N LEU B 285 -14.25 15.63 -4.71
CA LEU B 285 -14.20 14.67 -5.80
C LEU B 285 -15.41 13.76 -5.75
N ASP B 286 -16.15 13.70 -6.84
CA ASP B 286 -17.32 12.87 -6.81
C ASP B 286 -17.15 11.70 -7.76
N LEU B 287 -16.79 10.55 -7.23
CA LEU B 287 -16.57 9.39 -8.10
C LEU B 287 -17.84 8.78 -8.71
N GLY B 288 -19.01 9.24 -8.27
CA GLY B 288 -20.25 8.79 -8.86
C GLY B 288 -20.36 9.23 -10.32
N LYS B 289 -19.73 10.35 -10.66
CA LYS B 289 -19.74 10.83 -12.03
C LYS B 289 -18.70 10.13 -12.91
N PHE B 290 -17.91 9.26 -12.30
CA PHE B 290 -16.69 8.77 -12.90
C PHE B 290 -16.87 8.07 -14.25
N HIS B 291 -17.91 7.24 -14.39
CA HIS B 291 -18.15 6.60 -15.67
C HIS B 291 -19.06 7.40 -16.61
N GLU B 292 -19.33 8.66 -16.27
CA GLU B 292 -20.21 9.43 -17.14
C GLU B 292 -19.51 10.13 -18.26
N ILE B 293 -20.12 10.05 -19.43
CA ILE B 293 -19.61 10.70 -20.63
C ILE B 293 -20.69 11.54 -21.36
N ALA B 294 -20.34 12.79 -21.61
CA ALA B 294 -21.24 13.69 -22.35
C ALA B 294 -21.14 13.38 -23.83
N GLN B 295 -22.27 13.38 -24.50
CA GLN B 295 -22.32 13.12 -25.93
C GLN B 295 -23.35 14.04 -26.60
N HIS B 296 -22.99 14.60 -27.75
CA HIS B 296 -23.87 15.47 -28.50
C HIS B 296 -24.88 14.62 -29.26
N HIS B 297 -26.13 15.08 -29.36
CA HIS B 297 -27.18 14.34 -30.04
C HIS B 297 -27.82 15.19 -31.17
N HIS B 298 -27.83 14.66 -32.41
CA HIS B 298 -28.37 15.43 -33.55
C HIS B 298 -29.75 14.98 -34.06
N HIS B 299 -30.68 15.93 -34.17
CA HIS B 299 -32.01 15.62 -34.71
C HIS B 299 -31.93 14.56 -35.80
K K C . 2.64 -27.68 29.63
K K D . 1.89 -29.76 32.70
CL CL E . 24.03 21.16 -7.80
N1 SPM F . 23.19 7.31 -8.72
N1 SPM F . 23.77 7.63 -7.90
C2 SPM F . 24.29 8.00 -9.38
C2 SPM F . 24.11 7.63 -9.31
C3 SPM F . 23.80 9.27 -10.05
C3 SPM F . 23.74 8.97 -9.94
C4 SPM F . 24.51 10.50 -9.48
C4 SPM F . 24.51 10.14 -9.34
N5 SPM F . 24.04 11.75 -10.09
N5 SPM F . 24.28 11.35 -10.14
C6 SPM F . 24.69 13.03 -9.80
C6 SPM F . 24.72 12.69 -9.74
C7 SPM F . 25.21 13.67 -11.08
C7 SPM F . 25.04 13.54 -10.97
C8 SPM F . 24.12 14.46 -11.81
C8 SPM F . 23.89 14.44 -11.42
C9 SPM F . 24.73 15.45 -12.81
C9 SPM F . 23.87 14.66 -12.94
N10 SPM F . 25.82 14.89 -13.59
N10 SPM F . 24.39 15.95 -13.38
C11 SPM F . 26.02 15.41 -14.92
C11 SPM F . 25.49 15.99 -14.33
C12 SPM F . 25.69 16.90 -14.97
C12 SPM F . 26.01 17.41 -14.61
C13 SPM F . 24.69 17.24 -16.08
C13 SPM F . 25.53 17.95 -15.96
N14 SPM F . 25.25 16.88 -17.37
N14 SPM F . 25.81 17.04 -17.06
CL CL G . 20.82 14.50 -12.45
CA CA H . 3.74 -24.73 25.32
CL CL I . 13.49 10.64 11.83
#